data_7UM2
#
_entry.id   7UM2
#
_cell.length_a   60.171
_cell.length_b   79.105
_cell.length_c   110.860
_cell.angle_alpha   90.000
_cell.angle_beta   90.000
_cell.angle_gamma   90.000
#
_symmetry.space_group_name_H-M   'P 21 21 21'
#
loop_
_entity.id
_entity.type
_entity.pdbx_description
1 polymer 'HLA class I antigen'
2 polymer Beta-2-microglobulin
3 polymer 'SARS-CoV-2 Spike-derived peptide S417-425 K417T mutant (TIADYNYKL)'
4 non-polymer 'ZINC ION'
5 non-polymer 'CADMIUM ION'
6 non-polymer 'SODIUM ION'
7 water water
#
loop_
_entity_poly.entity_id
_entity_poly.type
_entity_poly.pdbx_seq_one_letter_code
_entity_poly.pdbx_strand_id
1 'polypeptide(L)'
;MAVMAPRTLVLLLSGALALTQTWAGSHSMRYFFTSVSRPGRGEPRFIAVGYVDDTQFVRFDSDAASQRMEPRAPWIEQEG
PEYWDGETRKVKAHSQTHRVDLGTLRGYYNQSEAGSHTVQRMYGCDVGSDWRFLRGYHQYAYDGKDYIALKEDLRSWTAA
DMAAQTTKHKWEAAHVAEQLRAYLEGTCVEWLRRYLENGKETLQRTDAPKTHMTHHAVSDHEATLRCWALSFYPAEITLT
WQRDGEDQTQDTELVETRPAGDGTFQKWAAVVVPSGQEQRYTCHVQHEGLPKPLTLRWEPSSQPTIPIVGIIAGLVLFGA
VITGAVVAAVMWRRKSSDRKGGSYSQAASSDSAQGSDVSLTACKV
;
A
2 'polypeptide(L)'
;MIQRTPKIQVYSRHPAENGKSNFLNCYVSGFHPSDIEVDLLKNGERIEKVEHSDLSFSKDWSFYLLYYTEFTPTEKDEYA
CRVNHVTLSQPKIVKWDRDM
;
B
3 'polypeptide(L)' TIADYNYKL C
#
loop_
_chem_comp.id
_chem_comp.type
_chem_comp.name
_chem_comp.formula
CD non-polymer 'CADMIUM ION' 'Cd 2'
NA non-polymer 'SODIUM ION' 'Na 1'
ZN non-polymer 'ZINC ION' 'Zn 2'
#
# COMPACT_ATOMS: atom_id res chain seq x y z
N GLY A 25 6.65 18.86 -9.04
CA GLY A 25 7.51 17.74 -8.64
C GLY A 25 7.36 16.51 -9.51
N SER A 26 8.00 15.39 -9.09
CA SER A 26 7.96 14.08 -9.79
C SER A 26 6.64 13.35 -9.54
N HIS A 27 6.18 12.53 -10.53
CA HIS A 27 4.91 11.82 -10.39
C HIS A 27 4.96 10.42 -10.98
N SER A 28 3.98 9.59 -10.63
CA SER A 28 3.94 8.21 -11.15
C SER A 28 2.50 7.76 -11.32
N MET A 29 2.29 6.83 -12.27
CA MET A 29 1.00 6.17 -12.42
C MET A 29 1.31 4.68 -12.28
N ARG A 30 0.58 3.96 -11.40
CA ARG A 30 0.89 2.55 -11.18
C ARG A 30 -0.38 1.78 -11.07
N TYR A 31 -0.41 0.59 -11.67
CA TYR A 31 -1.55 -0.33 -11.57
C TYR A 31 -1.09 -1.63 -10.90
N PHE A 32 -1.89 -2.17 -10.00
CA PHE A 32 -1.58 -3.37 -9.21
C PHE A 32 -2.72 -4.37 -9.44
N PHE A 33 -2.39 -5.61 -9.74
CA PHE A 33 -3.40 -6.63 -10.03
C PHE A 33 -3.05 -7.86 -9.20
N THR A 34 -4.03 -8.46 -8.53
CA THR A 34 -3.82 -9.69 -7.78
C THR A 34 -4.96 -10.64 -8.13
N SER A 35 -4.60 -11.92 -8.41
CA SER A 35 -5.59 -12.99 -8.59
C SER A 35 -5.23 -14.09 -7.66
N VAL A 36 -6.23 -14.69 -7.00
CA VAL A 36 -6.01 -15.78 -6.04
C VAL A 36 -6.94 -16.89 -6.49
N SER A 37 -6.39 -18.06 -6.78
CA SER A 37 -7.22 -19.16 -7.24
C SER A 37 -8.07 -19.72 -6.10
N ARG A 38 -9.25 -20.26 -6.44
N ARG A 38 -9.24 -20.26 -6.44
CA ARG A 38 -10.20 -20.82 -5.50
CA ARG A 38 -10.21 -20.82 -5.50
C ARG A 38 -10.56 -22.23 -6.00
C ARG A 38 -10.56 -22.23 -6.00
N PRO A 39 -9.68 -23.23 -5.76
CA PRO A 39 -9.92 -24.60 -6.30
C PRO A 39 -11.23 -25.32 -5.95
N GLY A 40 -11.83 -24.96 -4.82
CA GLY A 40 -13.06 -25.61 -4.36
C GLY A 40 -14.24 -25.30 -5.27
N ARG A 41 -14.27 -24.06 -5.79
CA ARG A 41 -15.35 -23.64 -6.68
C ARG A 41 -15.09 -22.29 -7.31
N GLY A 42 -15.38 -22.19 -8.59
CA GLY A 42 -15.37 -20.92 -9.29
C GLY A 42 -14.03 -20.39 -9.74
N GLU A 43 -14.07 -19.16 -10.21
CA GLU A 43 -12.92 -18.48 -10.81
C GLU A 43 -12.09 -17.79 -9.72
N PRO A 44 -10.86 -17.37 -10.07
CA PRO A 44 -10.04 -16.71 -9.05
C PRO A 44 -10.65 -15.39 -8.57
N ARG A 45 -10.33 -15.02 -7.34
CA ARG A 45 -10.71 -13.72 -6.80
C ARG A 45 -9.72 -12.75 -7.48
N PHE A 46 -10.21 -11.68 -8.09
CA PHE A 46 -9.35 -10.73 -8.81
C PHE A 46 -9.57 -9.30 -8.29
N ILE A 47 -8.47 -8.60 -7.96
CA ILE A 47 -8.55 -7.19 -7.49
C ILE A 47 -7.53 -6.36 -8.25
N ALA A 48 -7.99 -5.26 -8.86
CA ALA A 48 -7.12 -4.35 -9.58
C ALA A 48 -7.27 -2.99 -8.95
N VAL A 49 -6.17 -2.27 -8.77
CA VAL A 49 -6.24 -0.90 -8.22
C VAL A 49 -5.28 -0.04 -9.02
N GLY A 50 -5.67 1.20 -9.29
CA GLY A 50 -4.80 2.15 -9.98
C GLY A 50 -4.51 3.33 -9.08
N TYR A 51 -3.26 3.83 -9.15
CA TYR A 51 -2.81 4.95 -8.34
C TYR A 51 -2.15 6.00 -9.21
N VAL A 52 -2.33 7.28 -8.83
CA VAL A 52 -1.51 8.36 -9.34
C VAL A 52 -0.78 8.80 -8.06
N ASP A 53 0.56 8.67 -8.02
CA ASP A 53 1.34 8.92 -6.83
C ASP A 53 0.75 8.02 -5.72
N ASP A 54 0.37 8.61 -4.56
CA ASP A 54 -0.20 7.81 -3.46
C ASP A 54 -1.71 7.90 -3.36
N THR A 55 -2.37 8.28 -4.46
CA THR A 55 -3.82 8.42 -4.48
C THR A 55 -4.44 7.31 -5.33
N GLN A 56 -5.23 6.45 -4.71
CA GLN A 56 -5.98 5.43 -5.45
C GLN A 56 -7.08 6.14 -6.24
N PHE A 57 -7.21 5.83 -7.54
CA PHE A 57 -8.24 6.53 -8.33
C PHE A 57 -9.22 5.61 -9.06
N VAL A 58 -8.83 4.32 -9.25
CA VAL A 58 -9.74 3.37 -9.89
C VAL A 58 -9.61 2.04 -9.15
N ARG A 59 -10.64 1.21 -9.28
CA ARG A 59 -10.58 -0.13 -8.74
C ARG A 59 -11.50 -1.06 -9.50
N PHE A 60 -11.18 -2.35 -9.44
CA PHE A 60 -12.04 -3.41 -9.95
C PHE A 60 -11.94 -4.54 -8.95
N ASP A 61 -13.08 -5.08 -8.55
CA ASP A 61 -13.05 -6.24 -7.67
C ASP A 61 -14.02 -7.24 -8.28
N SER A 62 -13.52 -8.46 -8.60
CA SER A 62 -14.38 -9.52 -9.19
C SER A 62 -15.58 -9.87 -8.29
N ASP A 63 -15.48 -9.67 -6.95
CA ASP A 63 -16.58 -9.97 -6.02
C ASP A 63 -17.61 -8.81 -5.95
N ALA A 64 -17.31 -7.63 -6.52
CA ALA A 64 -18.22 -6.48 -6.45
C ALA A 64 -19.38 -6.63 -7.44
N ALA A 65 -20.49 -5.95 -7.13
CA ALA A 65 -21.72 -6.04 -7.93
C ALA A 65 -21.62 -5.41 -9.32
N SER A 66 -20.93 -4.29 -9.45
CA SER A 66 -20.92 -3.58 -10.72
C SER A 66 -20.32 -4.34 -11.88
N GLN A 67 -19.22 -5.09 -11.65
CA GLN A 67 -18.47 -5.76 -12.73
C GLN A 67 -17.93 -4.72 -13.72
N ARG A 68 -17.58 -3.53 -13.19
CA ARG A 68 -17.03 -2.44 -13.97
C ARG A 68 -15.84 -1.89 -13.24
N MET A 69 -14.97 -1.23 -13.98
CA MET A 69 -13.91 -0.45 -13.37
C MET A 69 -14.66 0.72 -12.71
N GLU A 70 -14.31 1.03 -11.44
CA GLU A 70 -15.02 2.06 -10.68
C GLU A 70 -14.13 3.22 -10.29
N PRO A 71 -14.68 4.43 -10.25
CA PRO A 71 -13.87 5.60 -9.83
C PRO A 71 -13.70 5.59 -8.32
N ARG A 72 -12.56 6.12 -7.86
CA ARG A 72 -12.22 6.23 -6.45
C ARG A 72 -11.67 7.63 -6.09
N ALA A 73 -11.66 8.54 -7.07
CA ALA A 73 -11.22 9.93 -6.87
C ALA A 73 -12.19 10.84 -7.64
N PRO A 74 -12.50 12.04 -7.12
CA PRO A 74 -13.48 12.88 -7.84
C PRO A 74 -13.06 13.33 -9.23
N TRP A 75 -11.75 13.53 -9.45
CA TRP A 75 -11.22 14.00 -10.73
C TRP A 75 -11.29 12.96 -11.89
N ILE A 76 -11.50 11.68 -11.58
CA ILE A 76 -11.63 10.68 -12.65
C ILE A 76 -13.09 10.52 -13.07
N GLU A 77 -14.05 10.88 -12.20
CA GLU A 77 -15.49 10.71 -12.46
C GLU A 77 -16.01 11.43 -13.72
N GLN A 78 -15.31 12.53 -14.11
CA GLN A 78 -15.62 13.35 -15.29
C GLN A 78 -15.33 12.62 -16.62
N GLU A 79 -14.52 11.54 -16.59
CA GLU A 79 -14.23 10.79 -17.81
C GLU A 79 -15.52 10.19 -18.35
N GLY A 80 -15.67 10.24 -19.67
CA GLY A 80 -16.89 9.81 -20.36
C GLY A 80 -17.13 8.32 -20.37
N PRO A 81 -18.28 7.87 -20.94
CA PRO A 81 -18.58 6.44 -20.98
C PRO A 81 -17.63 5.58 -21.81
N GLU A 82 -17.01 6.13 -22.88
CA GLU A 82 -16.07 5.39 -23.70
C GLU A 82 -14.85 5.05 -22.83
N TYR A 83 -14.47 5.97 -21.92
CA TYR A 83 -13.36 5.72 -20.99
C TYR A 83 -13.71 4.52 -20.11
N TRP A 84 -14.85 4.55 -19.41
CA TRP A 84 -15.26 3.49 -18.49
C TRP A 84 -15.49 2.16 -19.16
N ASP A 85 -16.09 2.16 -20.38
CA ASP A 85 -16.29 0.90 -21.10
C ASP A 85 -14.94 0.27 -21.45
N GLY A 86 -14.01 1.10 -21.94
CA GLY A 86 -12.66 0.68 -22.32
C GLY A 86 -11.88 0.13 -21.15
N GLU A 87 -11.92 0.85 -20.01
CA GLU A 87 -11.19 0.36 -18.81
C GLU A 87 -11.80 -0.94 -18.28
N THR A 88 -13.15 -1.08 -18.35
CA THR A 88 -13.81 -2.31 -17.91
C THR A 88 -13.38 -3.48 -18.82
N ARG A 89 -13.41 -3.28 -20.16
CA ARG A 89 -13.04 -4.35 -21.09
C ARG A 89 -11.58 -4.81 -20.82
N LYS A 90 -10.67 -3.85 -20.66
CA LYS A 90 -9.25 -4.16 -20.44
C LYS A 90 -9.00 -4.82 -19.11
N VAL A 91 -9.67 -4.36 -18.03
CA VAL A 91 -9.44 -4.96 -16.71
C VAL A 91 -10.03 -6.38 -16.64
N LYS A 92 -11.15 -6.64 -17.35
CA LYS A 92 -11.70 -8.00 -17.38
C LYS A 92 -10.73 -8.91 -18.21
N ALA A 93 -10.11 -8.37 -19.27
CA ALA A 93 -9.10 -9.10 -20.06
C ALA A 93 -7.90 -9.44 -19.14
N HIS A 94 -7.49 -8.48 -18.27
CA HIS A 94 -6.39 -8.78 -17.31
C HIS A 94 -6.80 -9.92 -16.39
N SER A 95 -8.06 -9.91 -15.91
CA SER A 95 -8.46 -10.98 -15.01
C SER A 95 -8.40 -12.36 -15.70
N GLN A 96 -8.78 -12.42 -16.99
CA GLN A 96 -8.76 -13.69 -17.74
C GLN A 96 -7.33 -14.13 -18.01
N THR A 97 -6.41 -13.19 -18.32
CA THR A 97 -5.00 -13.56 -18.50
CA THR A 97 -4.99 -13.61 -18.50
C THR A 97 -4.48 -14.20 -17.20
N HIS A 98 -4.79 -13.57 -16.03
CA HIS A 98 -4.35 -14.13 -14.75
C HIS A 98 -4.96 -15.52 -14.51
N ARG A 99 -6.26 -15.71 -14.86
CA ARG A 99 -6.90 -17.02 -14.68
C ARG A 99 -6.10 -18.07 -15.50
N VAL A 100 -5.82 -17.76 -16.77
CA VAL A 100 -5.03 -18.69 -17.61
C VAL A 100 -3.64 -18.93 -17.00
N ASP A 101 -2.97 -17.84 -16.58
CA ASP A 101 -1.65 -17.89 -15.95
C ASP A 101 -1.59 -18.81 -14.76
N LEU A 102 -2.57 -18.70 -13.86
CA LEU A 102 -2.61 -19.58 -12.69
C LEU A 102 -2.58 -21.08 -13.11
N GLY A 103 -3.32 -21.42 -14.18
CA GLY A 103 -3.32 -22.76 -14.75
C GLY A 103 -1.97 -23.15 -15.33
N THR A 104 -1.37 -22.26 -16.14
CA THR A 104 -0.06 -22.53 -16.74
C THR A 104 1.00 -22.74 -15.67
N LEU A 105 1.00 -21.88 -14.63
CA LEU A 105 1.98 -21.92 -13.54
C LEU A 105 1.87 -23.16 -12.69
N ARG A 106 0.64 -23.62 -12.42
CA ARG A 106 0.40 -24.88 -11.71
C ARG A 106 1.11 -26.01 -12.45
N GLY A 107 0.99 -26.01 -13.78
CA GLY A 107 1.64 -26.99 -14.66
C GLY A 107 3.16 -26.88 -14.61
N TYR A 108 3.71 -25.64 -14.75
CA TYR A 108 5.17 -25.42 -14.72
C TYR A 108 5.81 -25.93 -13.43
N TYR A 109 5.10 -25.75 -12.29
CA TYR A 109 5.63 -26.11 -10.98
C TYR A 109 5.15 -27.47 -10.48
N ASN A 110 4.42 -28.22 -11.32
CA ASN A 110 3.92 -29.57 -11.00
C ASN A 110 3.12 -29.59 -9.68
N GLN A 111 2.27 -28.56 -9.51
CA GLN A 111 1.46 -28.41 -8.30
C GLN A 111 0.09 -29.03 -8.48
N SER A 112 -0.50 -29.42 -7.36
CA SER A 112 -1.85 -30.00 -7.28
C SER A 112 -2.94 -29.02 -7.68
N GLU A 113 -4.06 -29.56 -8.16
CA GLU A 113 -5.20 -28.74 -8.52
CA GLU A 113 -5.21 -28.74 -8.53
C GLU A 113 -5.95 -28.25 -7.27
N ALA A 114 -5.64 -28.84 -6.08
CA ALA A 114 -6.30 -28.53 -4.79
C ALA A 114 -5.85 -27.26 -4.01
N GLY A 115 -4.64 -26.77 -4.22
CA GLY A 115 -4.17 -25.62 -3.43
C GLY A 115 -4.52 -24.28 -4.07
N SER A 116 -4.63 -23.24 -3.25
CA SER A 116 -4.86 -21.87 -3.74
C SER A 116 -3.48 -21.26 -4.00
N HIS A 117 -3.37 -20.52 -5.11
CA HIS A 117 -2.10 -19.87 -5.50
C HIS A 117 -2.40 -18.45 -5.88
N THR A 118 -1.36 -17.62 -5.95
CA THR A 118 -1.56 -16.19 -6.25
C THR A 118 -0.66 -15.73 -7.37
N VAL A 119 -1.18 -14.82 -8.22
CA VAL A 119 -0.39 -14.12 -9.23
C VAL A 119 -0.57 -12.63 -8.93
N GLN A 120 0.53 -11.88 -8.99
CA GLN A 120 0.51 -10.44 -8.80
C GLN A 120 1.24 -9.79 -9.95
N ARG A 121 0.71 -8.66 -10.41
CA ARG A 121 1.36 -7.91 -11.49
C ARG A 121 1.31 -6.44 -11.12
N MET A 122 2.39 -5.71 -11.37
CA MET A 122 2.40 -4.27 -11.16
C MET A 122 3.11 -3.64 -12.33
N TYR A 123 2.52 -2.59 -12.91
CA TYR A 123 3.24 -1.87 -13.94
C TYR A 123 2.94 -0.39 -13.85
N GLY A 124 3.80 0.42 -14.45
CA GLY A 124 3.56 1.86 -14.37
C GLY A 124 4.72 2.68 -14.88
N CYS A 125 4.56 4.01 -14.83
CA CYS A 125 5.53 4.94 -15.36
C CYS A 125 5.78 6.04 -14.37
N ASP A 126 7.02 6.58 -14.35
CA ASP A 126 7.39 7.74 -13.52
C ASP A 126 7.72 8.88 -14.50
N VAL A 127 7.40 10.12 -14.10
CA VAL A 127 7.76 11.33 -14.87
C VAL A 127 8.50 12.25 -13.89
N GLY A 128 9.43 13.05 -14.42
CA GLY A 128 10.18 14.02 -13.61
C GLY A 128 9.39 15.29 -13.42
N SER A 129 10.06 16.34 -12.86
CA SER A 129 9.45 17.67 -12.62
C SER A 129 8.93 18.35 -13.91
N ASP A 130 9.54 18.02 -15.05
CA ASP A 130 9.19 18.52 -16.39
C ASP A 130 8.03 17.70 -16.99
N TRP A 131 7.50 16.70 -16.20
CA TRP A 131 6.42 15.78 -16.59
C TRP A 131 6.78 14.92 -17.82
N ARG A 132 8.08 14.73 -18.09
CA ARG A 132 8.52 13.86 -19.19
C ARG A 132 8.91 12.49 -18.61
N PHE A 133 8.78 11.43 -19.44
CA PHE A 133 9.11 10.05 -19.08
C PHE A 133 10.46 9.94 -18.40
N LEU A 134 10.48 9.30 -17.21
CA LEU A 134 11.69 9.06 -16.45
C LEU A 134 12.02 7.56 -16.47
N ARG A 135 11.05 6.71 -16.05
CA ARG A 135 11.26 5.26 -16.05
CA ARG A 135 11.26 5.26 -16.06
C ARG A 135 9.93 4.52 -16.14
N GLY A 136 9.99 3.26 -16.56
CA GLY A 136 8.81 2.43 -16.65
C GLY A 136 9.12 1.09 -16.03
N TYR A 137 8.10 0.37 -15.62
CA TYR A 137 8.35 -0.93 -15.02
C TYR A 137 7.17 -1.85 -15.23
N HIS A 138 7.43 -3.16 -15.21
CA HIS A 138 6.37 -4.17 -15.35
C HIS A 138 6.94 -5.39 -14.64
N GLN A 139 6.38 -5.78 -13.50
N GLN A 139 6.31 -5.79 -13.55
CA GLN A 139 6.87 -6.92 -12.71
CA GLN A 139 6.78 -6.89 -12.70
C GLN A 139 5.75 -7.93 -12.45
C GLN A 139 5.70 -7.94 -12.51
N TYR A 140 6.10 -9.22 -12.44
CA TYR A 140 5.13 -10.30 -12.25
C TYR A 140 5.65 -11.23 -11.16
N ALA A 141 4.74 -11.71 -10.27
CA ALA A 141 5.11 -12.61 -9.17
C ALA A 141 4.16 -13.77 -9.07
N TYR A 142 4.70 -14.93 -8.71
CA TYR A 142 3.89 -16.11 -8.49
C TYR A 142 4.10 -16.55 -7.06
N ASP A 143 3.01 -16.74 -6.31
CA ASP A 143 3.06 -17.12 -4.90
C ASP A 143 3.98 -16.20 -4.07
N GLY A 144 3.97 -14.91 -4.40
CA GLY A 144 4.68 -13.89 -3.63
C GLY A 144 6.16 -13.81 -3.85
N LYS A 145 6.64 -14.45 -4.93
CA LYS A 145 8.08 -14.41 -5.26
C LYS A 145 8.22 -13.88 -6.68
N ASP A 146 9.34 -13.20 -6.96
CA ASP A 146 9.61 -12.72 -8.32
C ASP A 146 9.52 -13.88 -9.30
N TYR A 147 8.86 -13.60 -10.41
CA TYR A 147 8.75 -14.57 -11.49
C TYR A 147 9.45 -13.98 -12.71
N ILE A 148 8.91 -12.89 -13.28
CA ILE A 148 9.53 -12.25 -14.46
C ILE A 148 9.33 -10.73 -14.37
N ALA A 149 10.32 -9.97 -14.81
CA ALA A 149 10.25 -8.53 -14.72
C ALA A 149 10.92 -7.90 -15.93
N LEU A 150 10.33 -6.82 -16.41
CA LEU A 150 10.94 -6.09 -17.50
C LEU A 150 12.13 -5.28 -16.93
N LYS A 151 13.27 -5.32 -17.62
CA LYS A 151 14.45 -4.55 -17.18
C LYS A 151 14.24 -3.04 -17.43
N GLU A 152 15.07 -2.18 -16.81
CA GLU A 152 14.92 -0.72 -16.97
C GLU A 152 15.02 -0.24 -18.42
N ASP A 153 15.73 -1.00 -19.29
CA ASP A 153 15.87 -0.65 -20.72
C ASP A 153 14.54 -0.78 -21.48
N LEU A 154 13.54 -1.44 -20.87
CA LEU A 154 12.21 -1.72 -21.45
C LEU A 154 12.32 -2.60 -22.71
N ARG A 155 13.37 -3.42 -22.77
CA ARG A 155 13.62 -4.30 -23.90
C ARG A 155 13.83 -5.73 -23.50
N SER A 156 14.45 -5.93 -22.32
CA SER A 156 14.95 -7.20 -21.81
C SER A 156 14.12 -7.69 -20.64
N TRP A 157 14.26 -9.01 -20.31
CA TRP A 157 13.52 -9.64 -19.21
C TRP A 157 14.44 -10.27 -18.18
N THR A 158 14.07 -10.13 -16.91
CA THR A 158 14.76 -10.82 -15.79
C THR A 158 13.85 -11.99 -15.42
N ALA A 159 14.28 -13.22 -15.68
CA ALA A 159 13.54 -14.45 -15.31
C ALA A 159 14.21 -15.00 -14.05
N ALA A 160 13.44 -15.22 -12.97
CA ALA A 160 13.99 -15.64 -11.68
C ALA A 160 14.42 -17.09 -11.65
N ASP A 161 13.74 -17.94 -12.42
CA ASP A 161 13.99 -19.37 -12.45
C ASP A 161 13.72 -19.97 -13.81
N MET A 162 13.82 -21.30 -13.93
CA MET A 162 13.69 -21.94 -15.24
C MET A 162 12.27 -21.91 -15.79
N ALA A 163 11.21 -21.92 -14.93
CA ALA A 163 9.85 -21.79 -15.46
C ALA A 163 9.72 -20.37 -16.09
N ALA A 164 10.21 -19.34 -15.39
CA ALA A 164 10.17 -17.96 -15.91
C ALA A 164 11.02 -17.84 -17.17
N GLN A 165 12.11 -18.66 -17.29
CA GLN A 165 12.94 -18.63 -18.50
C GLN A 165 12.10 -19.10 -19.72
N THR A 166 11.19 -20.08 -19.51
CA THR A 166 10.29 -20.58 -20.55
C THR A 166 9.34 -19.45 -20.98
N THR A 167 8.81 -18.71 -19.98
CA THR A 167 7.93 -17.57 -20.29
C THR A 167 8.74 -16.49 -21.05
N LYS A 168 9.99 -16.20 -20.60
CA LYS A 168 10.84 -15.17 -21.22
C LYS A 168 10.99 -15.49 -22.71
N HIS A 169 11.29 -16.75 -23.06
CA HIS A 169 11.44 -17.12 -24.49
C HIS A 169 10.16 -16.90 -25.29
N LYS A 170 8.99 -17.16 -24.68
CA LYS A 170 7.72 -16.92 -25.36
C LYS A 170 7.51 -15.40 -25.53
N TRP A 171 7.81 -14.61 -24.46
CA TRP A 171 7.59 -13.15 -24.52
C TRP A 171 8.50 -12.47 -25.53
N GLU A 172 9.73 -13.01 -25.70
CA GLU A 172 10.65 -12.47 -26.71
C GLU A 172 10.04 -12.73 -28.11
N ALA A 173 9.56 -13.96 -28.35
CA ALA A 173 8.97 -14.34 -29.63
C ALA A 173 7.68 -13.59 -29.98
N ALA A 174 6.94 -13.16 -28.97
CA ALA A 174 5.67 -12.46 -29.11
C ALA A 174 5.76 -10.90 -29.00
N HIS A 175 6.97 -10.30 -29.01
CA HIS A 175 7.13 -8.83 -29.02
C HIS A 175 6.49 -8.15 -27.80
N VAL A 176 6.40 -8.89 -26.67
CA VAL A 176 5.77 -8.33 -25.46
C VAL A 176 6.46 -7.07 -24.95
N ALA A 177 7.79 -7.08 -24.84
CA ALA A 177 8.50 -5.92 -24.31
C ALA A 177 8.27 -4.69 -25.21
N GLU A 178 8.18 -4.87 -26.55
CA GLU A 178 7.92 -3.73 -27.47
C GLU A 178 6.56 -3.13 -27.17
N GLN A 179 5.52 -3.98 -26.97
CA GLN A 179 4.16 -3.49 -26.68
C GLN A 179 4.14 -2.74 -25.34
N LEU A 180 4.88 -3.28 -24.36
CA LEU A 180 4.94 -2.61 -23.06
C LEU A 180 5.68 -1.30 -23.10
N ARG A 181 6.86 -1.26 -23.79
CA ARG A 181 7.65 -0.04 -23.92
C ARG A 181 6.80 1.07 -24.60
N ALA A 182 6.03 0.71 -25.65
CA ALA A 182 5.17 1.69 -26.32
C ALA A 182 4.13 2.25 -25.37
N TYR A 183 3.54 1.38 -24.52
CA TYR A 183 2.54 1.84 -23.54
C TYR A 183 3.20 2.70 -22.45
N LEU A 184 4.29 2.23 -21.86
CA LEU A 184 4.95 2.90 -20.74
C LEU A 184 5.50 4.28 -21.08
N GLU A 185 6.06 4.39 -22.27
CA GLU A 185 6.65 5.66 -22.75
C GLU A 185 5.65 6.59 -23.41
N GLY A 186 4.53 6.05 -23.87
CA GLY A 186 3.54 6.86 -24.57
C GLY A 186 2.29 7.05 -23.76
N THR A 187 1.34 6.14 -23.97
CA THR A 187 0.02 6.09 -23.35
C THR A 187 0.07 6.37 -21.84
N CYS A 188 0.90 5.63 -21.10
CA CYS A 188 1.01 5.78 -19.66
C CYS A 188 1.32 7.24 -19.26
N VAL A 189 2.35 7.83 -19.87
CA VAL A 189 2.81 9.18 -19.58
C VAL A 189 1.76 10.21 -20.02
N GLU A 190 1.11 9.99 -21.18
CA GLU A 190 0.08 10.91 -21.71
C GLU A 190 -1.11 11.01 -20.77
N TRP A 191 -1.63 9.84 -20.32
CA TRP A 191 -2.75 9.83 -19.43
C TRP A 191 -2.38 10.34 -18.04
N LEU A 192 -1.15 10.00 -17.58
CA LEU A 192 -0.70 10.55 -16.30
C LEU A 192 -0.76 12.11 -16.32
N ARG A 193 -0.24 12.74 -17.40
CA ARG A 193 -0.28 14.21 -17.54
C ARG A 193 -1.73 14.69 -17.52
N ARG A 194 -2.64 13.99 -18.22
CA ARG A 194 -4.06 14.34 -18.23
C ARG A 194 -4.65 14.29 -16.83
N TYR A 195 -4.34 13.23 -16.06
CA TYR A 195 -4.88 13.11 -14.71
C TYR A 195 -4.34 14.19 -13.80
N LEU A 196 -3.05 14.48 -13.90
CA LEU A 196 -2.42 15.50 -13.04
C LEU A 196 -3.08 16.89 -13.24
N GLU A 197 -3.44 17.20 -14.49
CA GLU A 197 -4.13 18.43 -14.86
C GLU A 197 -5.56 18.41 -14.32
N ASN A 198 -6.36 17.35 -14.61
CA ASN A 198 -7.74 17.24 -14.14
C ASN A 198 -7.87 17.20 -12.62
N GLY A 199 -6.91 16.58 -11.95
CA GLY A 199 -6.91 16.48 -10.49
C GLY A 199 -5.97 17.43 -9.78
N LYS A 200 -5.56 18.53 -10.45
CA LYS A 200 -4.61 19.56 -9.98
C LYS A 200 -4.78 19.92 -8.52
N GLU A 201 -6.03 20.23 -8.09
CA GLU A 201 -6.42 20.68 -6.74
C GLU A 201 -5.85 19.81 -5.63
N THR A 202 -5.81 18.47 -5.84
CA THR A 202 -5.23 17.55 -4.85
C THR A 202 -3.92 16.91 -5.32
N LEU A 203 -3.88 16.40 -6.57
CA LEU A 203 -2.69 15.71 -7.06
C LEU A 203 -1.44 16.54 -7.10
N GLN A 204 -1.57 17.85 -7.38
CA GLN A 204 -0.40 18.73 -7.43
C GLN A 204 -0.21 19.53 -6.12
N ARG A 205 -1.02 19.23 -5.09
CA ARG A 205 -0.92 19.88 -3.79
C ARG A 205 -0.08 18.96 -2.88
N THR A 206 0.95 19.49 -2.22
CA THR A 206 1.72 18.73 -1.25
C THR A 206 1.17 19.17 0.11
N ASP A 207 0.98 18.23 1.04
CA ASP A 207 0.48 18.52 2.38
C ASP A 207 1.65 18.23 3.30
N ALA A 208 2.26 19.29 3.81
CA ALA A 208 3.42 19.17 4.70
C ALA A 208 2.95 18.52 6.01
N PRO A 209 3.81 17.70 6.65
CA PRO A 209 3.39 17.07 7.90
C PRO A 209 3.08 18.08 9.00
N LYS A 210 1.99 17.83 9.72
CA LYS A 210 1.64 18.61 10.89
C LYS A 210 2.39 17.88 12.02
N THR A 211 3.36 18.55 12.65
CA THR A 211 4.21 17.86 13.63
C THR A 211 4.02 18.32 15.05
N HIS A 212 4.20 17.40 16.00
CA HIS A 212 4.18 17.72 17.42
C HIS A 212 4.97 16.65 18.17
N MET A 213 5.31 16.98 19.42
CA MET A 213 6.04 16.03 20.25
CA MET A 213 6.08 16.10 20.29
C MET A 213 5.25 15.70 21.50
N THR A 214 5.25 14.40 21.88
CA THR A 214 4.57 13.95 23.10
C THR A 214 5.66 13.36 24.02
N HIS A 215 5.32 13.31 25.29
CA HIS A 215 6.25 12.89 26.32
C HIS A 215 5.55 11.85 27.19
N HIS A 216 6.19 10.69 27.36
CA HIS A 216 5.59 9.60 28.14
C HIS A 216 6.58 9.10 29.17
N ALA A 217 6.41 9.45 30.47
CA ALA A 217 7.31 8.95 31.51
C ALA A 217 7.31 7.40 31.55
N VAL A 218 8.51 6.76 31.63
CA VAL A 218 8.63 5.27 31.69
C VAL A 218 9.09 4.84 33.10
N SER A 219 9.45 5.83 33.93
CA SER A 219 9.92 5.72 35.33
C SER A 219 10.01 7.13 35.93
N ASP A 220 10.52 7.28 37.17
CA ASP A 220 10.62 8.64 37.71
C ASP A 220 11.87 9.37 37.18
N HIS A 221 12.68 8.69 36.32
CA HIS A 221 13.89 9.33 35.79
C HIS A 221 14.19 9.04 34.30
N GLU A 222 13.26 8.45 33.54
CA GLU A 222 13.42 8.26 32.08
C GLU A 222 12.08 8.50 31.44
N ALA A 223 12.07 8.90 30.17
CA ALA A 223 10.80 9.14 29.48
C ALA A 223 11.00 8.89 28.02
N THR A 224 9.92 8.56 27.34
CA THR A 224 9.90 8.41 25.90
C THR A 224 9.48 9.75 25.32
N LEU A 225 10.21 10.22 24.28
CA LEU A 225 9.77 11.41 23.53
C LEU A 225 9.31 10.84 22.19
N ARG A 226 8.11 11.20 21.73
CA ARG A 226 7.59 10.69 20.49
C ARG A 226 7.32 11.88 19.59
N CYS A 227 7.94 11.85 18.41
CA CYS A 227 7.82 12.90 17.41
C CYS A 227 6.82 12.43 16.35
N TRP A 228 5.73 13.19 16.21
CA TRP A 228 4.65 12.81 15.31
C TRP A 228 4.65 13.62 14.05
N ALA A 229 4.35 12.96 12.91
CA ALA A 229 4.15 13.63 11.61
C ALA A 229 2.75 13.17 11.14
N LEU A 230 1.81 14.11 11.05
CA LEU A 230 0.44 13.75 10.68
C LEU A 230 -0.02 14.47 9.44
N SER A 231 -1.07 13.90 8.82
CA SER A 231 -1.80 14.52 7.73
C SER A 231 -0.95 14.97 6.56
N PHE A 232 0.07 14.17 6.21
CA PHE A 232 0.93 14.54 5.11
C PHE A 232 0.67 13.76 3.83
N TYR A 233 1.10 14.37 2.72
CA TYR A 233 0.94 13.77 1.39
C TYR A 233 2.01 14.44 0.49
N PRO A 234 2.76 13.68 -0.34
CA PRO A 234 2.75 12.21 -0.48
C PRO A 234 3.29 11.48 0.74
N ALA A 235 3.28 10.14 0.68
CA ALA A 235 3.68 9.29 1.81
C ALA A 235 5.15 9.33 2.15
N GLU A 236 6.01 9.62 1.17
CA GLU A 236 7.47 9.65 1.41
C GLU A 236 7.85 10.68 2.46
N ILE A 237 8.58 10.26 3.51
CA ILE A 237 8.99 11.19 4.59
C ILE A 237 10.19 10.56 5.31
N THR A 238 11.02 11.38 5.97
CA THR A 238 12.11 10.90 6.81
C THR A 238 12.00 11.57 8.19
N LEU A 239 11.97 10.78 9.26
CA LEU A 239 11.93 11.27 10.66
C LEU A 239 13.20 10.73 11.27
N THR A 240 14.03 11.61 11.83
CA THR A 240 15.30 11.11 12.42
C THR A 240 15.54 11.85 13.72
N TRP A 241 16.09 11.16 14.71
CA TRP A 241 16.40 11.81 16.00
C TRP A 241 17.89 12.13 16.02
N GLN A 242 18.23 13.21 16.70
CA GLN A 242 19.63 13.60 16.94
C GLN A 242 19.81 13.88 18.41
N ARG A 243 21.01 13.59 18.96
CA ARG A 243 21.29 13.94 20.36
C ARG A 243 22.53 14.80 20.28
N ASP A 244 22.44 16.05 20.76
CA ASP A 244 23.55 16.99 20.68
C ASP A 244 24.10 17.12 19.23
N GLY A 245 23.18 17.10 18.24
CA GLY A 245 23.50 17.28 16.82
C GLY A 245 24.08 16.10 16.06
N GLU A 246 24.04 14.92 16.67
CA GLU A 246 24.54 13.71 16.02
C GLU A 246 23.40 12.72 15.95
N ASP A 247 23.31 11.93 14.87
CA ASP A 247 22.23 10.97 14.70
C ASP A 247 22.20 9.91 15.80
N GLN A 248 20.99 9.61 16.25
CA GLN A 248 20.75 8.65 17.34
C GLN A 248 19.83 7.55 16.80
N THR A 249 20.26 6.30 16.93
CA THR A 249 19.56 5.08 16.52
C THR A 249 19.35 4.17 17.75
N GLN A 250 20.25 4.28 18.78
CA GLN A 250 20.11 3.54 20.04
C GLN A 250 18.84 4.02 20.76
N ASP A 251 18.06 3.08 21.31
CA ASP A 251 16.83 3.35 22.08
C ASP A 251 15.79 4.17 21.29
N THR A 252 15.77 3.97 19.96
CA THR A 252 14.78 4.61 19.08
C THR A 252 13.82 3.57 18.52
N GLU A 253 12.63 4.03 18.11
CA GLU A 253 11.63 3.18 17.49
C GLU A 253 10.99 4.04 16.41
N LEU A 254 10.89 3.49 15.17
CA LEU A 254 10.30 4.21 14.04
C LEU A 254 9.20 3.31 13.47
N VAL A 255 7.92 3.78 13.46
CA VAL A 255 6.86 2.92 12.90
C VAL A 255 6.80 3.09 11.41
N GLU A 256 6.23 2.09 10.72
CA GLU A 256 6.08 2.23 9.27
C GLU A 256 5.05 3.31 8.96
N THR A 257 5.27 4.05 7.87
CA THR A 257 4.29 5.05 7.44
C THR A 257 2.92 4.39 7.22
N ARG A 258 1.88 5.03 7.73
CA ARG A 258 0.56 4.40 7.67
C ARG A 258 -0.49 5.35 7.15
N PRO A 259 -1.56 4.82 6.53
CA PRO A 259 -2.59 5.70 5.99
C PRO A 259 -3.50 6.23 7.11
N ALA A 260 -3.85 7.51 7.04
CA ALA A 260 -4.80 8.07 8.00
C ALA A 260 -6.26 7.59 7.67
N GLY A 261 -6.52 7.29 6.38
CA GLY A 261 -7.83 6.84 5.92
C GLY A 261 -8.60 7.91 5.19
N ASP A 262 -8.05 9.15 5.18
CA ASP A 262 -8.63 10.30 4.49
C ASP A 262 -7.74 10.76 3.31
N GLY A 263 -6.81 9.89 2.90
CA GLY A 263 -5.91 10.18 1.81
C GLY A 263 -4.53 10.65 2.20
N THR A 264 -4.37 10.99 3.51
CA THR A 264 -3.06 11.47 3.99
C THR A 264 -2.42 10.35 4.79
N PHE A 265 -1.19 10.61 5.24
CA PHE A 265 -0.40 9.60 5.93
C PHE A 265 0.07 10.08 7.28
N GLN A 266 0.55 9.12 8.09
CA GLN A 266 1.07 9.37 9.43
C GLN A 266 2.32 8.59 9.68
N LYS A 267 3.16 9.11 10.58
CA LYS A 267 4.36 8.36 11.02
C LYS A 267 4.79 8.96 12.37
N TRP A 268 5.47 8.16 13.17
CA TRP A 268 6.11 8.69 14.38
C TRP A 268 7.44 8.01 14.62
N ALA A 269 8.31 8.71 15.32
CA ALA A 269 9.62 8.20 15.74
C ALA A 269 9.73 8.52 17.25
N ALA A 270 10.30 7.62 18.04
CA ALA A 270 10.43 7.82 19.48
C ALA A 270 11.82 7.47 19.96
N VAL A 271 12.20 8.08 21.08
CA VAL A 271 13.50 7.82 21.70
C VAL A 271 13.27 7.84 23.22
N VAL A 272 13.95 6.96 23.95
CA VAL A 272 13.92 6.91 25.42
C VAL A 272 15.10 7.75 25.90
N VAL A 273 14.82 8.70 26.79
CA VAL A 273 15.83 9.65 27.28
C VAL A 273 15.89 9.72 28.80
N PRO A 274 17.01 10.18 29.39
CA PRO A 274 17.01 10.39 30.85
C PRO A 274 16.18 11.66 31.13
N SER A 275 15.28 11.60 32.13
CA SER A 275 14.50 12.78 32.47
C SER A 275 15.40 13.95 32.88
N GLY A 276 15.07 15.13 32.38
CA GLY A 276 15.84 16.35 32.59
C GLY A 276 16.79 16.62 31.44
N GLN A 277 17.04 15.61 30.60
CA GLN A 277 17.96 15.78 29.46
C GLN A 277 17.23 15.93 28.11
N GLU A 278 15.93 16.22 28.12
CA GLU A 278 15.15 16.27 26.88
C GLU A 278 15.62 17.29 25.85
N GLN A 279 16.22 18.43 26.29
CA GLN A 279 16.66 19.50 25.38
C GLN A 279 17.84 19.10 24.46
N ARG A 280 18.58 18.02 24.79
CA ARG A 280 19.66 17.54 23.94
C ARG A 280 19.10 16.87 22.67
N TYR A 281 17.82 16.44 22.72
CA TYR A 281 17.25 15.65 21.65
C TYR A 281 16.39 16.47 20.71
N THR A 282 16.62 16.26 19.43
CA THR A 282 15.86 16.96 18.37
C THR A 282 15.37 15.97 17.34
N CYS A 283 14.13 16.17 16.87
CA CYS A 283 13.53 15.30 15.86
C CYS A 283 13.55 16.15 14.58
N HIS A 284 14.02 15.55 13.49
CA HIS A 284 14.18 16.24 12.20
C HIS A 284 13.24 15.60 11.20
N VAL A 285 12.49 16.45 10.50
CA VAL A 285 11.45 15.97 9.57
C VAL A 285 11.75 16.47 8.16
N GLN A 286 11.91 15.54 7.20
CA GLN A 286 12.14 15.86 5.78
C GLN A 286 10.92 15.40 5.01
N HIS A 287 10.39 16.26 4.15
CA HIS A 287 9.21 15.96 3.33
C HIS A 287 9.19 16.93 2.15
N GLU A 288 8.72 16.45 1.00
CA GLU A 288 8.57 17.25 -0.22
C GLU A 288 7.81 18.58 0.04
N GLY A 289 6.84 18.54 0.95
CA GLY A 289 6.02 19.70 1.32
C GLY A 289 6.72 20.72 2.19
N LEU A 290 7.97 20.42 2.62
CA LEU A 290 8.75 21.34 3.47
C LEU A 290 9.95 21.91 2.70
N PRO A 291 9.96 23.23 2.40
CA PRO A 291 11.11 23.84 1.69
C PRO A 291 12.44 23.63 2.44
N LYS A 292 12.36 23.71 3.79
CA LYS A 292 13.49 23.49 4.69
C LYS A 292 13.05 22.41 5.73
N PRO A 293 13.90 21.41 6.05
CA PRO A 293 13.48 20.40 7.07
C PRO A 293 13.13 21.04 8.42
N LEU A 294 12.16 20.45 9.14
CA LEU A 294 11.73 20.93 10.45
C LEU A 294 12.57 20.28 11.53
N THR A 295 12.73 20.99 12.66
CA THR A 295 13.45 20.50 13.84
C THR A 295 12.49 20.71 15.01
N LEU A 296 12.24 19.66 15.81
CA LEU A 296 11.34 19.77 16.94
C LEU A 296 12.11 19.40 18.19
N ARG A 297 11.75 20.01 19.31
CA ARG A 297 12.30 19.72 20.64
C ARG A 297 11.12 19.62 21.57
N TRP A 298 11.29 18.90 22.70
CA TRP A 298 10.22 18.80 23.68
C TRP A 298 10.14 20.11 24.42
N GLU A 299 8.92 20.66 24.53
CA GLU A 299 8.69 21.91 25.25
C GLU A 299 8.25 21.54 26.68
N PRO A 300 9.13 21.76 27.69
CA PRO A 300 8.76 21.36 29.06
C PRO A 300 7.72 22.31 29.69
N MET B 1 4.80 -22.54 -0.54
CA MET B 1 5.06 -21.14 -0.86
C MET B 1 5.49 -20.34 0.38
N ILE B 2 5.95 -19.08 0.16
CA ILE B 2 6.37 -18.23 1.28
C ILE B 2 5.16 -17.76 2.05
N GLN B 3 5.28 -17.79 3.37
CA GLN B 3 4.22 -17.34 4.26
C GLN B 3 4.85 -16.25 5.12
N ARG B 4 4.28 -15.04 5.04
CA ARG B 4 4.79 -13.88 5.77
C ARG B 4 3.70 -13.40 6.70
N THR B 5 4.03 -13.25 7.98
CA THR B 5 3.05 -12.90 8.99
C THR B 5 2.71 -11.39 8.95
N PRO B 6 1.46 -11.00 9.24
CA PRO B 6 1.16 -9.54 9.20
C PRO B 6 1.78 -8.72 10.30
N LYS B 7 2.19 -7.51 9.95
CA LYS B 7 2.58 -6.46 10.89
C LYS B 7 1.25 -5.74 11.14
N ILE B 8 0.98 -5.33 12.38
CA ILE B 8 -0.29 -4.71 12.70
C ILE B 8 -0.07 -3.36 13.43
N GLN B 9 -0.78 -2.31 12.99
CA GLN B 9 -0.82 -1.05 13.72
C GLN B 9 -2.27 -0.71 13.95
N VAL B 10 -2.62 -0.36 15.20
CA VAL B 10 -3.99 0.06 15.51
CA VAL B 10 -3.99 0.01 15.59
C VAL B 10 -3.90 1.49 16.03
N TYR B 11 -4.69 2.38 15.44
CA TYR B 11 -4.54 3.80 15.74
C TYR B 11 -5.74 4.59 15.27
N SER B 12 -5.81 5.86 15.70
CA SER B 12 -6.91 6.71 15.28
C SER B 12 -6.51 7.61 14.14
N ARG B 13 -7.49 7.97 13.31
CA ARG B 13 -7.26 8.89 12.20
C ARG B 13 -6.79 10.27 12.72
N HIS B 14 -7.42 10.77 13.81
CA HIS B 14 -7.12 12.07 14.46
C HIS B 14 -6.62 11.91 15.87
N PRO B 15 -5.87 12.89 16.46
CA PRO B 15 -5.45 12.74 17.87
C PRO B 15 -6.70 12.51 18.72
N ALA B 16 -6.63 11.53 19.56
CA ALA B 16 -7.78 11.11 20.34
C ALA B 16 -8.12 12.08 21.46
N GLU B 17 -9.41 12.38 21.58
CA GLU B 17 -9.96 13.18 22.68
C GLU B 17 -11.17 12.43 23.17
N ASN B 18 -11.22 12.12 24.47
CA ASN B 18 -12.36 11.40 25.02
C ASN B 18 -13.65 12.15 24.78
N GLY B 19 -14.63 11.43 24.26
CA GLY B 19 -15.94 11.98 23.94
C GLY B 19 -16.06 12.65 22.58
N LYS B 20 -14.95 12.69 21.80
CA LYS B 20 -14.95 13.33 20.49
CA LYS B 20 -14.96 13.31 20.49
C LYS B 20 -14.85 12.29 19.37
N SER B 21 -15.83 12.29 18.47
CA SER B 21 -16.00 11.39 17.33
C SER B 21 -14.69 11.28 16.53
N ASN B 22 -14.37 10.05 16.06
CA ASN B 22 -13.07 9.83 15.38
C ASN B 22 -13.20 8.55 14.51
N PHE B 23 -12.08 7.99 14.09
CA PHE B 23 -12.07 6.78 13.24
C PHE B 23 -10.95 5.91 13.73
N LEU B 24 -11.29 4.64 13.96
CA LEU B 24 -10.38 3.63 14.46
C LEU B 24 -9.87 2.85 13.25
N ASN B 25 -8.54 2.79 13.12
CA ASN B 25 -7.83 2.11 12.04
C ASN B 25 -7.06 0.89 12.48
N CYS B 26 -7.10 -0.17 11.65
CA CYS B 26 -6.22 -1.31 11.86
C CYS B 26 -5.53 -1.51 10.53
N TYR B 27 -4.26 -1.18 10.47
CA TYR B 27 -3.47 -1.31 9.25
C TYR B 27 -2.67 -2.61 9.33
N VAL B 28 -2.96 -3.52 8.40
CA VAL B 28 -2.26 -4.82 8.35
C VAL B 28 -1.37 -4.82 7.11
N SER B 29 -0.12 -5.20 7.26
CA SER B 29 0.80 -5.14 6.14
C SER B 29 1.87 -6.22 6.23
N GLY B 30 2.64 -6.38 5.16
CA GLY B 30 3.75 -7.34 5.14
C GLY B 30 3.39 -8.82 5.12
N PHE B 31 2.14 -9.14 4.77
CA PHE B 31 1.68 -10.52 4.80
C PHE B 31 1.51 -11.16 3.43
N HIS B 32 1.58 -12.50 3.44
CA HIS B 32 1.40 -13.33 2.26
C HIS B 32 1.03 -14.73 2.77
N PRO B 33 -0.03 -15.41 2.27
CA PRO B 33 -0.94 -15.04 1.19
C PRO B 33 -1.94 -13.95 1.62
N SER B 34 -2.77 -13.47 0.68
CA SER B 34 -3.67 -12.34 0.91
C SER B 34 -4.86 -12.61 1.82
N ASP B 35 -5.32 -13.89 1.95
CA ASP B 35 -6.50 -14.18 2.79
C ASP B 35 -6.15 -13.82 4.24
N ILE B 36 -6.99 -13.00 4.87
CA ILE B 36 -6.73 -12.53 6.22
C ILE B 36 -8.08 -12.19 6.86
N GLU B 37 -8.18 -12.38 8.18
N GLU B 37 -8.19 -12.40 8.18
CA GLU B 37 -9.39 -12.08 8.96
CA GLU B 37 -9.41 -12.03 8.93
C GLU B 37 -9.05 -10.94 9.93
C GLU B 37 -9.03 -10.92 9.88
N VAL B 38 -9.72 -9.78 9.78
CA VAL B 38 -9.44 -8.63 10.63
C VAL B 38 -10.77 -8.16 11.23
N ASP B 39 -10.82 -8.03 12.57
CA ASP B 39 -11.98 -7.47 13.26
C ASP B 39 -11.49 -6.33 14.14
N LEU B 40 -12.31 -5.29 14.30
CA LEU B 40 -12.03 -4.21 15.24
C LEU B 40 -12.95 -4.57 16.43
N LEU B 41 -12.43 -4.50 17.66
CA LEU B 41 -13.17 -4.90 18.86
C LEU B 41 -13.39 -3.70 19.79
N LYS B 42 -14.57 -3.67 20.41
CA LYS B 42 -14.92 -2.69 21.43
C LYS B 42 -15.25 -3.54 22.64
N ASN B 43 -14.43 -3.44 23.69
CA ASN B 43 -14.57 -4.21 24.95
C ASN B 43 -14.57 -5.74 24.68
N GLY B 44 -13.73 -6.16 23.75
CA GLY B 44 -13.59 -7.56 23.34
C GLY B 44 -14.65 -8.09 22.40
N GLU B 45 -15.65 -7.27 22.05
CA GLU B 45 -16.74 -7.65 21.15
C GLU B 45 -16.51 -7.04 19.77
N ARG B 46 -16.79 -7.83 18.73
CA ARG B 46 -16.66 -7.46 17.32
C ARG B 46 -17.55 -6.27 16.94
N ILE B 47 -16.95 -5.24 16.28
CA ILE B 47 -17.68 -4.07 15.79
C ILE B 47 -18.20 -4.47 14.42
N GLU B 48 -19.47 -4.19 14.13
CA GLU B 48 -20.12 -4.66 12.91
C GLU B 48 -19.95 -3.79 11.65
N LYS B 49 -20.02 -2.45 11.75
CA LYS B 49 -19.95 -1.64 10.52
C LYS B 49 -18.50 -1.32 10.06
N VAL B 50 -17.66 -2.35 9.93
CA VAL B 50 -16.23 -2.16 9.59
C VAL B 50 -16.00 -2.24 8.09
N GLU B 51 -15.28 -1.26 7.55
CA GLU B 51 -14.96 -1.20 6.12
C GLU B 51 -13.48 -1.45 5.90
N HIS B 52 -13.10 -1.81 4.66
CA HIS B 52 -11.68 -2.02 4.40
C HIS B 52 -11.28 -1.53 3.04
N SER B 53 -10.00 -1.20 2.89
CA SER B 53 -9.46 -0.73 1.62
C SER B 53 -9.39 -1.89 0.60
N ASP B 54 -9.12 -1.51 -0.64
CA ASP B 54 -8.93 -2.47 -1.73
C ASP B 54 -7.51 -3.01 -1.66
N LEU B 55 -7.39 -4.34 -1.70
CA LEU B 55 -6.12 -5.06 -1.60
C LEU B 55 -5.06 -4.52 -2.54
N SER B 56 -3.91 -4.20 -1.96
CA SER B 56 -2.76 -3.74 -2.73
C SER B 56 -1.49 -4.34 -2.10
N PHE B 57 -0.33 -4.09 -2.70
CA PHE B 57 0.90 -4.73 -2.24
C PHE B 57 2.14 -3.87 -2.43
N SER B 58 3.20 -4.20 -1.71
CA SER B 58 4.46 -3.46 -1.66
C SER B 58 5.47 -4.05 -2.64
N LYS B 59 6.68 -3.47 -2.66
CA LYS B 59 7.78 -3.87 -3.55
C LYS B 59 8.17 -5.36 -3.40
N ASP B 60 8.17 -5.89 -2.18
CA ASP B 60 8.52 -7.26 -1.86
C ASP B 60 7.33 -8.23 -2.10
N TRP B 61 6.24 -7.71 -2.70
CA TRP B 61 4.99 -8.43 -3.02
C TRP B 61 4.07 -8.65 -1.81
N SER B 62 4.48 -8.25 -0.62
CA SER B 62 3.60 -8.46 0.53
C SER B 62 2.40 -7.52 0.48
N PHE B 63 1.26 -8.03 0.93
CA PHE B 63 0.00 -7.29 0.90
C PHE B 63 -0.18 -6.30 2.04
N TYR B 64 -1.10 -5.34 1.83
CA TYR B 64 -1.52 -4.42 2.89
C TYR B 64 -2.96 -4.06 2.75
N LEU B 65 -3.62 -3.86 3.89
CA LEU B 65 -5.04 -3.48 3.95
C LEU B 65 -5.23 -2.57 5.13
N LEU B 66 -6.22 -1.67 5.01
CA LEU B 66 -6.60 -0.84 6.10
C LEU B 66 -8.06 -1.18 6.42
N TYR B 67 -8.36 -1.52 7.69
CA TYR B 67 -9.72 -1.74 8.18
C TYR B 67 -10.06 -0.55 9.05
N TYR B 68 -11.28 -0.01 8.93
CA TYR B 68 -11.59 1.20 9.72
C TYR B 68 -13.08 1.29 10.02
N THR B 69 -13.39 2.07 11.06
CA THR B 69 -14.77 2.32 11.47
C THR B 69 -14.80 3.58 12.30
N GLU B 70 -15.97 4.23 12.41
CA GLU B 70 -16.10 5.41 13.26
C GLU B 70 -16.11 4.93 14.70
N PHE B 71 -15.53 5.71 15.63
CA PHE B 71 -15.57 5.38 17.05
C PHE B 71 -15.43 6.63 17.87
N THR B 72 -15.86 6.56 19.13
CA THR B 72 -15.68 7.67 20.03
C THR B 72 -14.80 7.21 21.18
N PRO B 73 -13.52 7.67 21.29
CA PRO B 73 -12.71 7.25 22.45
C PRO B 73 -13.36 7.69 23.77
N THR B 74 -13.23 6.88 24.83
CA THR B 74 -13.77 7.22 26.14
C THR B 74 -12.78 6.74 27.19
N GLU B 75 -12.96 7.16 28.45
CA GLU B 75 -12.10 6.69 29.54
C GLU B 75 -12.35 5.21 29.83
N LYS B 76 -13.58 4.71 29.58
CA LYS B 76 -13.89 3.34 29.98
C LYS B 76 -13.78 2.28 28.91
N ASP B 77 -13.96 2.65 27.64
CA ASP B 77 -13.97 1.63 26.58
C ASP B 77 -12.58 1.28 26.10
N GLU B 78 -12.35 -0.03 25.89
CA GLU B 78 -11.09 -0.57 25.40
C GLU B 78 -11.32 -0.97 23.94
N TYR B 79 -10.45 -0.49 23.04
CA TYR B 79 -10.55 -0.83 21.61
C TYR B 79 -9.35 -1.66 21.21
N ALA B 80 -9.53 -2.51 20.20
CA ALA B 80 -8.46 -3.40 19.77
C ALA B 80 -8.70 -3.88 18.36
N CYS B 81 -7.68 -4.49 17.78
CA CYS B 81 -7.77 -5.11 16.46
C CYS B 81 -7.41 -6.58 16.65
N ARG B 82 -8.20 -7.50 16.06
CA ARG B 82 -7.97 -8.93 16.15
C ARG B 82 -7.71 -9.49 14.75
N VAL B 83 -6.53 -10.09 14.57
CA VAL B 83 -6.10 -10.56 13.24
C VAL B 83 -5.84 -12.05 13.26
N ASN B 84 -6.34 -12.74 12.22
CA ASN B 84 -6.02 -14.14 12.04
C ASN B 84 -5.51 -14.31 10.61
N HIS B 85 -4.52 -15.19 10.44
CA HIS B 85 -3.85 -15.43 9.16
C HIS B 85 -3.28 -16.83 9.24
N VAL B 86 -3.04 -17.50 8.08
CA VAL B 86 -2.50 -18.87 8.08
CA VAL B 86 -2.47 -18.86 8.04
C VAL B 86 -1.18 -18.96 8.89
N THR B 87 -0.39 -17.86 8.96
CA THR B 87 0.87 -17.80 9.72
C THR B 87 0.68 -17.73 11.26
N LEU B 88 -0.54 -17.53 11.73
CA LEU B 88 -0.78 -17.40 13.17
C LEU B 88 -1.53 -18.62 13.71
N SER B 89 -1.08 -19.18 14.85
CA SER B 89 -1.75 -20.35 15.47
C SER B 89 -3.09 -19.96 16.11
N GLN B 90 -3.14 -18.74 16.69
CA GLN B 90 -4.31 -18.15 17.36
C GLN B 90 -4.45 -16.71 16.85
N PRO B 91 -5.66 -16.11 16.89
CA PRO B 91 -5.76 -14.69 16.49
C PRO B 91 -4.89 -13.79 17.38
N LYS B 92 -4.25 -12.79 16.75
CA LYS B 92 -3.41 -11.82 17.47
C LYS B 92 -4.28 -10.60 17.79
N ILE B 93 -4.35 -10.22 19.07
CA ILE B 93 -5.11 -9.05 19.51
C ILE B 93 -4.12 -7.93 19.85
N VAL B 94 -4.28 -6.76 19.17
CA VAL B 94 -3.44 -5.60 19.43
C VAL B 94 -4.36 -4.50 19.97
N LYS B 95 -4.10 -4.07 21.22
CA LYS B 95 -4.94 -3.07 21.87
C LYS B 95 -4.64 -1.70 21.33
N TRP B 96 -5.68 -0.87 21.18
CA TRP B 96 -5.48 0.51 20.77
C TRP B 96 -4.92 1.30 21.96
N ASP B 97 -3.80 2.00 21.73
CA ASP B 97 -3.19 2.86 22.73
C ASP B 97 -3.09 4.22 22.01
N ARG B 98 -3.80 5.25 22.51
CA ARG B 98 -3.86 6.59 21.88
C ARG B 98 -2.50 7.27 21.77
N ASP B 99 -1.49 6.76 22.50
CA ASP B 99 -0.14 7.33 22.47
C ASP B 99 0.67 6.79 21.29
N MET B 100 0.09 5.86 20.51
CA MET B 100 0.86 5.21 19.41
C MET B 100 0.11 5.16 18.05
N THR C 1 -4.93 5.14 -17.45
CA THR C 1 -5.47 4.19 -18.41
C THR C 1 -4.67 2.88 -18.38
N ILE C 2 -5.33 1.74 -18.31
CA ILE C 2 -4.61 0.46 -18.28
C ILE C 2 -4.11 0.03 -19.66
N ALA C 3 -3.13 -0.85 -19.67
CA ALA C 3 -2.50 -1.35 -20.89
C ALA C 3 -3.39 -2.31 -21.62
N ASP C 4 -3.28 -2.28 -22.94
CA ASP C 4 -3.99 -3.18 -23.85
C ASP C 4 -2.81 -3.92 -24.50
N TYR C 5 -2.46 -5.08 -23.93
CA TYR C 5 -1.33 -5.87 -24.40
C TYR C 5 -1.63 -7.34 -24.30
N ASN C 6 -0.86 -8.11 -25.06
CA ASN C 6 -1.14 -9.56 -25.10
C ASN C 6 0.11 -10.34 -24.72
N TYR C 7 -0.09 -11.36 -23.91
CA TYR C 7 1.00 -12.23 -23.52
C TYR C 7 0.46 -13.58 -23.12
N LYS C 8 1.31 -14.61 -23.25
CA LYS C 8 0.99 -15.95 -22.79
C LYS C 8 2.12 -16.32 -21.85
N LEU C 9 1.81 -16.78 -20.65
CA LEU C 9 2.87 -17.19 -19.73
C LEU C 9 3.40 -18.55 -20.18
ZN ZN D . 16.83 3.61 36.12
CD CD E . 9.07 -6.85 -33.01
NA NA F . -4.39 11.25 -23.74
#